data_4MU6
#
_entry.id   4MU6
#
_cell.length_a   108.874
_cell.length_b   150.246
_cell.length_c   24.240
_cell.angle_alpha   90.00
_cell.angle_beta   90.00
_cell.angle_gamma   90.00
#
_symmetry.space_group_name_H-M   'P 21 21 2'
#
loop_
_entity.id
_entity.type
_entity.pdbx_description
1 polymer 'Kinectin 1 (Kinesin receptor)'
2 water water
#
_entity_poly.entity_id   1
_entity_poly.type   'polypeptide(L)'
_entity_poly.pdbx_seq_one_letter_code
;(MSE)I(MSE)FLANCNIEELVTEHIKQFLADEELSFSGLKDLILSKAPIPWIHSSVTATLLKSRDSDKTEVKKNLEQQS
YKAQLAEDKIQKEQDDAEALKDKKLKEVLTRELNHIPTQISEQQTELRLLHYKLERLFESQAKVDVIQHPDSP(MSE)KK
IKPSSSHSASIERLQRSINEREIKIQSLFEQEVNNKIKLNEIEKRASVRSQHHTKRVKRAQARIGYNSTGEDILSTLSGK
NQSILLRSIQKQHHALEKKCSDLIQEADQINYPLFLEELQKYLNKKKHTLSSQEVDALKSVIKYIKQHLEFEHEVINTQS
SLHIKKQSISSQIVKLRELQNKLKTLKNNNPNLTAANEELVSRNLELTA(MSE)KEHHADLRH
;
_entity_poly.pdbx_strand_id   A
#
# COMPACT_ATOMS: atom_id res chain seq x y z
N ILE A 2 13.98 1.91 -18.02
CA ILE A 2 14.67 1.25 -16.92
C ILE A 2 15.08 2.30 -15.87
N MSE A 3 16.04 1.96 -15.02
CA MSE A 3 16.45 2.83 -13.93
C MSE A 3 17.55 3.80 -14.34
O MSE A 3 18.41 3.48 -15.17
CB MSE A 3 16.94 1.99 -12.76
CG MSE A 3 15.86 1.06 -12.25
SE MSE A 3 14.35 2.12 -11.58
CE MSE A 3 15.30 2.86 -10.07
N PHE A 4 17.53 4.99 -13.75
CA PHE A 4 18.52 6.00 -14.06
C PHE A 4 19.71 6.01 -13.09
N LEU A 5 19.44 6.16 -11.79
CA LEU A 5 20.54 6.31 -10.84
C LEU A 5 21.46 5.10 -10.87
N ALA A 6 20.86 3.92 -10.86
CA ALA A 6 21.60 2.67 -10.83
C ALA A 6 22.46 2.45 -12.06
N ASN A 7 22.10 3.12 -13.16
CA ASN A 7 22.82 2.95 -14.42
C ASN A 7 23.65 4.17 -14.80
N CYS A 8 23.84 5.09 -13.85
CA CYS A 8 24.58 6.31 -14.11
C CYS A 8 26.09 6.07 -14.09
N ASN A 9 26.73 6.33 -15.22
CA ASN A 9 28.18 6.42 -15.29
C ASN A 9 28.53 7.84 -14.93
N ILE A 10 29.00 8.07 -13.70
CA ILE A 10 29.16 9.43 -13.22
C ILE A 10 30.21 10.23 -14.02
N GLU A 11 31.27 9.56 -14.45
CA GLU A 11 32.34 10.21 -15.20
C GLU A 11 31.83 10.69 -16.56
N GLU A 12 31.07 9.83 -17.22
CA GLU A 12 30.51 10.17 -18.53
C GLU A 12 29.47 11.31 -18.41
N LEU A 13 28.75 11.36 -17.30
CA LEU A 13 27.77 12.42 -17.12
C LEU A 13 28.44 13.78 -16.94
N VAL A 14 29.43 13.84 -16.06
CA VAL A 14 30.15 15.07 -15.81
C VAL A 14 30.83 15.56 -17.09
N THR A 15 31.39 14.63 -17.84
CA THR A 15 32.08 14.96 -19.08
C THR A 15 31.12 15.59 -20.08
N GLU A 16 29.94 15.00 -20.21
CA GLU A 16 28.93 15.52 -21.12
C GLU A 16 28.59 16.94 -20.74
N HIS A 17 28.46 17.19 -19.44
CA HIS A 17 28.13 18.54 -18.97
C HIS A 17 29.31 19.53 -19.08
N ILE A 18 30.53 19.03 -18.95
CA ILE A 18 31.69 19.88 -19.19
C ILE A 18 31.78 20.25 -20.66
N LYS A 19 31.59 19.27 -21.54
CA LYS A 19 31.64 19.52 -22.97
C LYS A 19 30.58 20.54 -23.39
N GLN A 20 29.38 20.42 -22.83
CA GLN A 20 28.29 21.33 -23.16
C GLN A 20 28.65 22.77 -22.76
N PHE A 21 29.28 22.89 -21.60
CA PHE A 21 29.73 24.18 -21.10
C PHE A 21 30.81 24.76 -22.00
N LEU A 22 31.79 23.93 -22.39
CA LEU A 22 32.88 24.38 -23.24
C LEU A 22 32.46 24.57 -24.70
N ALA A 23 31.20 24.26 -25.03
CA ALA A 23 30.67 24.55 -26.35
C ALA A 23 30.53 26.05 -26.52
N ASP A 24 30.52 26.76 -25.39
CA ASP A 24 30.49 28.21 -25.37
C ASP A 24 31.77 28.80 -25.98
N GLU A 25 31.62 29.47 -27.12
CA GLU A 25 32.78 29.99 -27.82
C GLU A 25 33.12 31.41 -27.37
N GLU A 26 32.47 31.85 -26.30
CA GLU A 26 32.56 33.24 -25.86
C GLU A 26 33.14 33.38 -24.46
N LEU A 27 33.67 32.30 -23.92
CA LEU A 27 34.27 32.34 -22.59
C LEU A 27 35.46 33.30 -22.58
N SER A 28 35.72 33.93 -21.43
CA SER A 28 36.71 35.00 -21.36
C SER A 28 37.99 34.57 -20.63
N PHE A 29 39.10 35.24 -20.90
CA PHE A 29 40.33 34.96 -20.19
C PHE A 29 40.19 34.97 -18.65
N SER A 30 39.69 36.08 -18.11
CA SER A 30 39.64 36.22 -16.65
C SER A 30 38.66 35.23 -16.02
N GLY A 31 37.57 34.95 -16.72
CA GLY A 31 36.66 33.90 -16.30
C GLY A 31 37.38 32.55 -16.16
N LEU A 32 38.03 32.14 -17.24
CA LEU A 32 38.67 30.83 -17.25
C LEU A 32 39.83 30.77 -16.26
N LYS A 33 40.58 31.85 -16.17
CA LYS A 33 41.69 31.95 -15.23
C LYS A 33 41.25 31.68 -13.78
N ASP A 34 40.15 32.27 -13.35
CA ASP A 34 39.69 32.05 -11.98
C ASP A 34 39.19 30.62 -11.78
N LEU A 35 38.53 30.07 -12.80
CA LEU A 35 38.06 28.71 -12.68
C LEU A 35 39.25 27.75 -12.53
N ILE A 36 40.31 27.96 -13.29
CA ILE A 36 41.51 27.13 -13.15
C ILE A 36 42.12 27.27 -11.77
N LEU A 37 42.32 28.51 -11.34
CA LEU A 37 42.87 28.83 -10.03
C LEU A 37 42.06 28.23 -8.87
N SER A 38 40.76 28.06 -9.06
CA SER A 38 39.88 27.67 -7.97
C SER A 38 40.15 26.27 -7.41
N LYS A 39 40.72 25.38 -8.22
CA LYS A 39 40.82 23.95 -7.87
C LYS A 39 39.56 23.42 -7.18
N ALA A 40 38.40 23.78 -7.72
CA ALA A 40 37.11 23.42 -7.13
C ALA A 40 36.14 23.05 -8.25
N PRO A 41 35.02 22.39 -7.92
CA PRO A 41 34.08 22.12 -9.01
C PRO A 41 33.62 23.42 -9.68
N ILE A 42 33.49 23.43 -11.01
CA ILE A 42 32.98 24.59 -11.70
C ILE A 42 31.50 24.71 -11.30
N PRO A 43 31.12 25.85 -10.71
CA PRO A 43 29.78 25.97 -10.12
C PRO A 43 28.65 25.83 -11.12
N TRP A 44 28.78 26.43 -12.30
CA TRP A 44 27.74 26.28 -13.31
C TRP A 44 27.57 24.82 -13.73
N ILE A 45 28.68 24.12 -13.88
CA ILE A 45 28.66 22.74 -14.34
C ILE A 45 28.15 21.78 -13.26
N HIS A 46 28.62 21.98 -12.03
CA HIS A 46 28.16 21.13 -10.94
C HIS A 46 26.66 21.30 -10.68
N SER A 47 26.15 22.53 -10.85
CA SER A 47 24.71 22.78 -10.82
C SER A 47 23.98 21.97 -11.88
N SER A 48 24.44 22.02 -13.12
CA SER A 48 23.73 21.27 -14.18
C SER A 48 23.79 19.74 -14.00
N VAL A 49 24.93 19.19 -13.57
CA VAL A 49 25.02 17.77 -13.23
C VAL A 49 24.06 17.44 -12.08
N THR A 50 24.06 18.29 -11.06
CA THR A 50 23.21 18.09 -9.89
C THR A 50 21.72 18.07 -10.26
N ALA A 51 21.29 18.95 -11.17
CA ALA A 51 19.88 18.99 -11.59
C ALA A 51 19.50 17.72 -12.35
N THR A 52 20.40 17.29 -13.24
CA THR A 52 20.21 16.01 -13.93
C THR A 52 20.08 14.84 -12.95
N LEU A 53 20.92 14.80 -11.92
CA LEU A 53 20.84 13.69 -10.97
C LEU A 53 19.55 13.71 -10.17
N LEU A 54 19.08 14.90 -9.81
CA LEU A 54 17.85 15.03 -9.04
C LEU A 54 16.65 14.59 -9.85
N LYS A 55 16.63 14.99 -11.12
CA LYS A 55 15.56 14.59 -12.04
C LYS A 55 15.55 13.08 -12.19
N SER A 56 16.73 12.50 -12.35
CA SER A 56 16.90 11.05 -12.43
C SER A 56 16.41 10.33 -11.16
N ARG A 57 16.77 10.89 -10.01
CA ARG A 57 16.34 10.35 -8.73
C ARG A 57 14.83 10.43 -8.65
N ASP A 58 14.28 11.57 -9.05
CA ASP A 58 12.84 11.76 -9.00
C ASP A 58 12.14 10.73 -9.89
N SER A 59 12.73 10.46 -11.05
CA SER A 59 12.13 9.49 -11.97
C SER A 59 12.14 8.07 -11.38
N ASP A 60 13.27 7.68 -10.79
CA ASP A 60 13.39 6.39 -10.11
C ASP A 60 12.34 6.26 -9.00
N LYS A 61 12.22 7.30 -8.16
CA LYS A 61 11.31 7.27 -7.03
C LYS A 61 9.87 7.12 -7.48
N THR A 62 9.53 7.80 -8.57
CA THR A 62 8.18 7.73 -9.11
C THR A 62 7.93 6.30 -9.59
N GLU A 63 8.89 5.73 -10.30
CA GLU A 63 8.72 4.39 -10.87
C GLU A 63 8.53 3.27 -9.82
N VAL A 64 9.34 3.26 -8.77
CA VAL A 64 9.26 2.15 -7.82
C VAL A 64 7.99 2.30 -6.98
N LYS A 65 7.66 3.54 -6.65
CA LYS A 65 6.40 3.81 -5.96
C LYS A 65 5.22 3.23 -6.74
N LYS A 66 5.23 3.39 -8.06
CA LYS A 66 4.16 2.85 -8.89
C LYS A 66 4.12 1.33 -8.83
N ASN A 67 5.28 0.69 -8.98
CA ASN A 67 5.36 -0.76 -8.79
C ASN A 67 4.79 -1.26 -7.43
N LEU A 68 5.13 -0.59 -6.34
CA LEU A 68 4.70 -1.00 -4.99
C LEU A 68 3.21 -0.69 -4.79
N GLU A 69 2.77 0.46 -5.29
CA GLU A 69 1.35 0.81 -5.22
C GLU A 69 0.52 -0.21 -5.97
N GLN A 70 1.00 -0.64 -7.13
CA GLN A 70 0.27 -1.59 -7.97
C GLN A 70 0.17 -2.94 -7.28
N GLN A 71 1.25 -3.35 -6.63
CA GLN A 71 1.23 -4.56 -5.83
C GLN A 71 0.16 -4.48 -4.73
N SER A 72 0.17 -3.37 -3.97
CA SER A 72 -0.76 -3.22 -2.85
C SER A 72 -2.19 -3.10 -3.34
N TYR A 73 -2.38 -2.41 -4.47
CA TYR A 73 -3.71 -2.21 -5.01
C TYR A 73 -4.35 -3.54 -5.31
N LYS A 74 -3.61 -4.39 -6.01
CA LYS A 74 -4.12 -5.67 -6.51
C LYS A 74 -4.36 -6.67 -5.39
N ALA A 75 -3.50 -6.63 -4.39
CA ALA A 75 -3.57 -7.56 -3.28
C ALA A 75 -4.84 -7.25 -2.48
N GLN A 76 -5.07 -5.96 -2.22
CA GLN A 76 -6.29 -5.56 -1.52
C GLN A 76 -7.55 -5.88 -2.30
N LEU A 77 -7.52 -5.69 -3.61
CA LEU A 77 -8.68 -6.01 -4.44
C LEU A 77 -9.01 -7.49 -4.30
N ALA A 78 -8.00 -8.34 -4.47
CA ALA A 78 -8.19 -9.78 -4.29
C ALA A 78 -8.71 -10.18 -2.88
N GLU A 79 -8.21 -9.52 -1.83
CA GLU A 79 -8.70 -9.79 -0.47
C GLU A 79 -10.18 -9.45 -0.38
N ASP A 80 -10.53 -8.31 -0.96
CA ASP A 80 -11.91 -7.84 -0.91
C ASP A 80 -12.87 -8.74 -1.69
N LYS A 81 -12.40 -9.33 -2.79
CA LYS A 81 -13.27 -10.26 -3.55
C LYS A 81 -13.47 -11.57 -2.80
N ILE A 82 -12.43 -12.01 -2.10
CA ILE A 82 -12.53 -13.20 -1.25
C ILE A 82 -13.48 -12.98 -0.09
N GLN A 83 -13.33 -11.85 0.61
CA GLN A 83 -14.19 -11.58 1.76
C GLN A 83 -15.64 -11.41 1.33
N LYS A 84 -15.85 -10.93 0.10
CA LYS A 84 -17.20 -10.76 -0.41
C LYS A 84 -17.89 -12.10 -0.66
N GLU A 85 -17.16 -13.05 -1.22
CA GLU A 85 -17.74 -14.37 -1.49
C GLU A 85 -18.04 -15.14 -0.21
N GLN A 86 -17.15 -15.02 0.77
CA GLN A 86 -17.37 -15.65 2.06
C GLN A 86 -18.52 -15.00 2.81
N ASP A 87 -18.59 -13.67 2.80
CA ASP A 87 -19.72 -12.99 3.40
C ASP A 87 -21.03 -13.39 2.71
N ASP A 88 -21.04 -13.39 1.38
CA ASP A 88 -22.24 -13.75 0.63
C ASP A 88 -22.72 -15.14 0.98
N ALA A 89 -21.78 -16.08 1.04
CA ALA A 89 -22.10 -17.47 1.37
C ALA A 89 -22.64 -17.66 2.79
N GLU A 90 -22.09 -16.90 3.73
CA GLU A 90 -22.56 -16.97 5.11
C GLU A 90 -23.96 -16.37 5.21
N ALA A 91 -24.18 -15.27 4.50
CA ALA A 91 -25.48 -14.61 4.42
C ALA A 91 -26.57 -15.54 3.90
N LEU A 92 -26.27 -16.34 2.88
CA LEU A 92 -27.23 -17.27 2.31
C LEU A 92 -27.57 -18.35 3.32
N LYS A 93 -26.54 -18.86 3.97
CA LYS A 93 -26.70 -19.88 4.99
C LYS A 93 -27.56 -19.37 6.16
N ASP A 94 -27.28 -18.15 6.62
CA ASP A 94 -28.05 -17.55 7.71
C ASP A 94 -29.49 -17.26 7.29
N LYS A 95 -29.67 -16.87 6.02
CA LYS A 95 -31.01 -16.64 5.49
C LYS A 95 -31.87 -17.92 5.63
N LYS A 96 -31.26 -19.05 5.34
CA LYS A 96 -31.96 -20.34 5.42
C LYS A 96 -32.20 -20.74 6.87
N LEU A 97 -31.23 -20.45 7.72
CA LEU A 97 -31.37 -20.76 9.12
C LEU A 97 -32.46 -19.90 9.74
N LYS A 98 -32.45 -18.61 9.42
CA LYS A 98 -33.44 -17.68 9.95
C LYS A 98 -34.85 -18.14 9.60
N GLU A 99 -35.03 -18.61 8.37
CA GLU A 99 -36.31 -19.15 7.93
C GLU A 99 -36.74 -20.40 8.72
N VAL A 100 -35.86 -21.37 8.89
CA VAL A 100 -36.25 -22.58 9.63
C VAL A 100 -36.52 -22.28 11.11
N LEU A 101 -35.66 -21.48 11.73
CA LEU A 101 -35.83 -21.15 13.14
C LEU A 101 -37.15 -20.43 13.37
N THR A 102 -37.51 -19.58 12.42
CA THR A 102 -38.70 -18.75 12.56
C THR A 102 -39.92 -19.57 12.27
N ARG A 103 -39.82 -20.49 11.31
CA ARG A 103 -40.92 -21.38 11.01
C ARG A 103 -41.20 -22.23 12.24
N GLU A 104 -40.16 -22.72 12.91
CA GLU A 104 -40.38 -23.52 14.12
C GLU A 104 -40.99 -22.69 15.27
N LEU A 105 -40.43 -21.50 15.49
CA LEU A 105 -40.92 -20.59 16.52
C LEU A 105 -42.41 -20.26 16.38
N ASN A 106 -42.86 -20.04 15.15
CA ASN A 106 -44.28 -19.73 14.92
C ASN A 106 -45.20 -20.93 15.17
N HIS A 107 -44.61 -22.11 15.36
CA HIS A 107 -45.40 -23.31 15.60
C HIS A 107 -45.38 -23.79 17.06
N ILE A 108 -44.37 -23.36 17.81
CA ILE A 108 -44.21 -23.78 19.20
C ILE A 108 -45.40 -23.48 20.16
N PRO A 109 -46.00 -22.27 20.10
CA PRO A 109 -47.21 -22.00 20.89
C PRO A 109 -48.35 -22.96 20.59
N THR A 110 -48.50 -23.36 19.33
CA THR A 110 -49.49 -24.38 18.98
C THR A 110 -49.19 -25.73 19.63
N GLN A 111 -47.93 -26.17 19.54
CA GLN A 111 -47.49 -27.43 20.14
C GLN A 111 -47.73 -27.43 21.64
N ILE A 112 -47.29 -26.37 22.30
CA ILE A 112 -47.48 -26.25 23.73
C ILE A 112 -48.95 -26.37 24.10
N SER A 113 -49.81 -25.65 23.38
CA SER A 113 -51.25 -25.71 23.58
C SER A 113 -51.78 -27.13 23.42
N GLU A 114 -51.38 -27.78 22.33
CA GLU A 114 -51.72 -29.18 22.05
C GLU A 114 -51.29 -30.13 23.18
N GLN A 115 -50.04 -30.03 23.59
CA GLN A 115 -49.53 -30.89 24.66
C GLN A 115 -50.29 -30.65 25.96
N GLN A 116 -50.58 -29.38 26.23
CA GLN A 116 -51.24 -29.01 27.48
C GLN A 116 -52.67 -29.53 27.55
N THR A 117 -53.34 -29.48 26.41
CA THR A 117 -54.68 -30.01 26.27
C THR A 117 -54.67 -31.51 26.53
N GLU A 118 -53.75 -32.23 25.88
CA GLU A 118 -53.61 -33.66 26.15
C GLU A 118 -53.22 -33.89 27.61
N LEU A 119 -52.39 -33.03 28.17
CA LEU A 119 -51.96 -33.20 29.55
C LEU A 119 -53.14 -33.02 30.50
N ARG A 120 -54.03 -32.09 30.15
CA ARG A 120 -55.21 -31.81 30.96
C ARG A 120 -56.19 -32.97 30.98
N LEU A 121 -56.40 -33.58 29.82
CA LEU A 121 -57.21 -34.78 29.72
C LEU A 121 -56.60 -35.93 30.54
N LEU A 122 -55.28 -36.08 30.52
CA LEU A 122 -54.63 -37.11 31.33
C LEU A 122 -54.87 -36.91 32.82
N HIS A 123 -54.85 -35.66 33.28
CA HIS A 123 -55.06 -35.37 34.69
C HIS A 123 -56.49 -35.68 35.07
N TYR A 124 -57.39 -35.40 34.13
CA TYR A 124 -58.81 -35.69 34.29
C TYR A 124 -59.00 -37.20 34.40
N LYS A 125 -58.41 -37.95 33.47
CA LYS A 125 -58.46 -39.42 33.54
C LYS A 125 -57.86 -40.01 34.82
N LEU A 126 -56.82 -39.40 35.34
CA LEU A 126 -56.19 -39.93 36.56
C LEU A 126 -57.07 -39.65 37.77
N GLU A 127 -57.70 -38.49 37.79
CA GLU A 127 -58.59 -38.11 38.88
C GLU A 127 -59.76 -39.09 38.98
N ARG A 128 -60.15 -39.65 37.84
CA ARG A 128 -61.30 -40.54 37.77
C ARG A 128 -60.96 -41.99 38.15
N LEU A 129 -59.69 -42.23 38.51
CA LEU A 129 -59.28 -43.56 38.95
C LEU A 129 -59.23 -43.66 40.46
N PHE A 130 -59.80 -42.67 41.15
CA PHE A 130 -59.73 -42.60 42.60
C PHE A 130 -61.07 -42.21 43.22
N HIS A 155 -55.63 -53.68 39.24
CA HIS A 155 -55.28 -52.70 38.23
C HIS A 155 -54.11 -51.84 38.71
N SER A 156 -53.89 -50.72 38.02
CA SER A 156 -52.89 -49.71 38.39
C SER A 156 -51.42 -50.14 38.34
N ALA A 157 -50.85 -50.55 37.20
CA ALA A 157 -51.43 -50.60 35.83
C ALA A 157 -52.05 -49.31 35.30
N SER A 158 -53.39 -49.25 35.34
CA SER A 158 -54.14 -48.08 34.93
C SER A 158 -53.55 -46.79 35.50
N ILE A 159 -53.25 -46.80 36.79
CA ILE A 159 -52.65 -45.64 37.44
C ILE A 159 -51.22 -45.36 36.98
N GLU A 160 -50.38 -46.39 36.93
CA GLU A 160 -48.98 -46.19 36.60
C GLU A 160 -48.75 -45.73 35.15
N ARG A 161 -49.55 -46.22 34.21
CA ARG A 161 -49.33 -45.85 32.82
C ARG A 161 -49.92 -44.47 32.47
N LEU A 162 -50.92 -44.02 33.23
CA LEU A 162 -51.35 -42.62 33.15
C LEU A 162 -50.24 -41.73 33.69
N GLN A 163 -49.58 -42.17 34.75
CA GLN A 163 -48.49 -41.39 35.36
C GLN A 163 -47.34 -41.22 34.38
N ARG A 164 -47.05 -42.27 33.62
CA ARG A 164 -45.95 -42.25 32.67
C ARG A 164 -46.30 -41.35 31.50
N SER A 165 -47.57 -41.39 31.08
CA SER A 165 -48.04 -40.51 30.01
C SER A 165 -47.94 -39.07 30.44
N ILE A 166 -48.39 -38.78 31.66
CA ILE A 166 -48.25 -37.45 32.24
C ILE A 166 -46.78 -36.98 32.24
N ASN A 167 -45.87 -37.85 32.70
CA ASN A 167 -44.47 -37.50 32.76
C ASN A 167 -43.92 -37.18 31.37
N GLU A 168 -44.31 -37.97 30.36
CA GLU A 168 -43.88 -37.70 29.00
C GLU A 168 -44.42 -36.37 28.47
N ARG A 169 -45.67 -36.05 28.76
CA ARG A 169 -46.25 -34.78 28.31
C ARG A 169 -45.47 -33.61 28.89
N GLU A 170 -45.15 -33.70 30.18
CA GLU A 170 -44.47 -32.60 30.87
C GLU A 170 -43.04 -32.37 30.38
N ILE A 171 -42.34 -33.46 30.09
CA ILE A 171 -40.99 -33.34 29.53
C ILE A 171 -41.09 -32.71 28.14
N LYS A 172 -42.10 -33.09 27.38
CA LYS A 172 -42.26 -32.56 26.04
C LYS A 172 -42.49 -31.06 26.10
N ILE A 173 -43.32 -30.63 27.04
CA ILE A 173 -43.64 -29.22 27.19
C ILE A 173 -42.40 -28.44 27.65
N GLN A 174 -41.65 -29.02 28.57
CA GLN A 174 -40.40 -28.40 29.01
C GLN A 174 -39.45 -28.22 27.83
N SER A 175 -39.42 -29.21 26.95
CA SER A 175 -38.49 -29.21 25.83
C SER A 175 -38.87 -28.14 24.82
N LEU A 176 -40.17 -27.97 24.60
CA LEU A 176 -40.68 -26.94 23.72
C LEU A 176 -40.28 -25.55 24.22
N PHE A 177 -40.43 -25.32 25.51
CA PHE A 177 -40.06 -24.02 26.09
C PHE A 177 -38.56 -23.78 25.94
N GLU A 178 -37.75 -24.84 26.09
CA GLU A 178 -36.31 -24.74 25.84
C GLU A 178 -36.02 -24.53 24.34
N GLN A 179 -36.81 -25.18 23.49
CA GLN A 179 -36.65 -25.02 22.06
C GLN A 179 -36.89 -23.56 21.69
N GLU A 180 -37.91 -22.97 22.33
CA GLU A 180 -38.28 -21.59 22.05
C GLU A 180 -37.14 -20.60 22.36
N VAL A 181 -36.66 -20.64 23.59
CA VAL A 181 -35.61 -19.70 23.97
C VAL A 181 -34.31 -19.93 23.16
N ASN A 182 -33.98 -21.19 22.88
CA ASN A 182 -32.82 -21.49 22.05
C ASN A 182 -32.89 -20.95 20.63
N ASN A 183 -34.05 -21.10 20.01
CA ASN A 183 -34.24 -20.52 18.68
C ASN A 183 -34.16 -19.01 18.75
N LYS A 184 -34.63 -18.43 19.84
CA LYS A 184 -34.51 -16.98 19.96
C LYS A 184 -33.06 -16.54 20.08
N ILE A 185 -32.25 -17.28 20.84
CA ILE A 185 -30.83 -16.97 20.95
C ILE A 185 -30.15 -17.08 19.57
N LYS A 186 -30.50 -18.11 18.81
CA LYS A 186 -29.88 -18.31 17.50
C LYS A 186 -30.32 -17.24 16.52
N LEU A 187 -31.50 -16.67 16.76
CA LEU A 187 -31.99 -15.62 15.91
C LEU A 187 -31.20 -14.35 16.23
N ASN A 188 -30.92 -14.15 17.50
CA ASN A 188 -30.09 -13.01 17.92
C ASN A 188 -28.66 -13.08 17.39
N GLU A 189 -28.04 -14.26 17.45
CA GLU A 189 -26.67 -14.41 16.96
C GLU A 189 -26.60 -14.22 15.45
N ILE A 190 -27.70 -14.53 14.76
CA ILE A 190 -27.82 -14.26 13.33
C ILE A 190 -27.80 -12.76 13.06
N GLU A 191 -28.52 -12.01 13.89
CA GLU A 191 -28.57 -10.57 13.72
C GLU A 191 -27.17 -10.00 13.92
N LYS A 192 -26.42 -10.58 14.85
CA LYS A 192 -25.07 -10.12 15.12
C LYS A 192 -24.16 -10.36 13.92
N ARG A 193 -24.28 -11.54 13.31
CA ARG A 193 -23.45 -11.85 12.15
C ARG A 193 -23.87 -11.03 10.95
N ALA A 194 -25.15 -10.69 10.86
CA ALA A 194 -25.64 -9.82 9.79
C ALA A 194 -25.02 -8.43 9.90
N SER A 195 -24.98 -7.90 11.12
CA SER A 195 -24.42 -6.58 11.34
C SER A 195 -22.96 -6.51 10.97
N VAL A 196 -22.24 -7.59 11.24
CA VAL A 196 -20.83 -7.64 10.90
C VAL A 196 -20.66 -7.61 9.38
N ARG A 197 -21.40 -8.46 8.66
CA ARG A 197 -21.36 -8.46 7.20
C ARG A 197 -21.69 -7.10 6.61
N SER A 198 -22.60 -6.38 7.27
CA SER A 198 -22.99 -5.07 6.76
C SER A 198 -21.83 -4.07 6.90
N GLN A 199 -21.11 -4.17 8.02
CA GLN A 199 -19.91 -3.38 8.24
C GLN A 199 -18.82 -3.72 7.24
N HIS A 200 -18.63 -5.01 6.94
CA HIS A 200 -17.57 -5.40 6.00
C HIS A 200 -17.86 -4.82 4.63
N HIS A 201 -19.16 -4.79 4.29
CA HIS A 201 -19.62 -4.32 3.00
C HIS A 201 -19.39 -2.81 2.83
N THR A 202 -19.79 -2.06 3.85
CA THR A 202 -19.54 -0.63 3.88
C THR A 202 -18.05 -0.30 3.60
N LYS A 203 -17.13 -0.94 4.32
CA LYS A 203 -15.71 -0.71 4.08
C LYS A 203 -15.26 -1.08 2.66
N ARG A 204 -15.80 -2.17 2.12
CA ARG A 204 -15.47 -2.56 0.75
C ARG A 204 -15.96 -1.50 -0.23
N VAL A 205 -17.17 -1.00 -0.01
CA VAL A 205 -17.72 0.09 -0.84
C VAL A 205 -16.85 1.34 -0.78
N LYS A 206 -16.39 1.70 0.40
CA LYS A 206 -15.52 2.87 0.54
C LYS A 206 -14.19 2.69 -0.22
N ARG A 207 -13.60 1.50 -0.14
CA ARG A 207 -12.37 1.24 -0.87
C ARG A 207 -12.63 1.26 -2.39
N ALA A 208 -13.77 0.70 -2.80
CA ALA A 208 -14.17 0.70 -4.18
C ALA A 208 -14.42 2.12 -4.71
N GLN A 209 -14.91 2.99 -3.85
CA GLN A 209 -15.07 4.38 -4.24
C GLN A 209 -13.70 5.01 -4.49
N ALA A 210 -12.75 4.73 -3.60
CA ALA A 210 -11.40 5.27 -3.73
C ALA A 210 -10.75 4.80 -5.01
N ARG A 211 -11.06 3.58 -5.41
CA ARG A 211 -10.47 3.03 -6.64
C ARG A 211 -10.87 3.84 -7.86
N ILE A 212 -12.10 4.36 -7.87
CA ILE A 212 -12.56 5.22 -8.96
C ILE A 212 -11.64 6.44 -9.09
N GLY A 213 -11.31 7.06 -7.97
CA GLY A 213 -10.42 8.21 -7.99
C GLY A 213 -9.01 7.81 -8.38
N TYR A 214 -8.50 6.73 -7.78
CA TYR A 214 -7.14 6.29 -8.06
C TYR A 214 -6.97 5.92 -9.53
N ASN A 215 -7.92 5.17 -10.08
CA ASN A 215 -7.81 4.68 -11.43
C ASN A 215 -7.90 5.79 -12.50
N SER A 216 -8.32 6.99 -12.09
CA SER A 216 -8.36 8.10 -13.03
C SER A 216 -7.26 9.16 -12.86
N THR A 217 -6.76 9.40 -11.64
CA THR A 217 -5.69 10.39 -11.46
C THR A 217 -4.34 9.78 -11.09
N GLY A 218 -4.36 8.59 -10.48
CA GLY A 218 -3.16 8.01 -9.93
C GLY A 218 -2.93 8.40 -8.48
N GLU A 219 -3.75 9.28 -7.93
CA GLU A 219 -3.61 9.70 -6.54
C GLU A 219 -4.46 8.86 -5.59
N ASP A 220 -4.20 9.01 -4.29
CA ASP A 220 -5.02 8.42 -3.23
C ASP A 220 -5.02 6.89 -3.29
N ILE A 221 -3.84 6.30 -3.52
CA ILE A 221 -3.74 4.85 -3.41
C ILE A 221 -4.17 4.40 -2.02
N LEU A 222 -3.85 5.18 -0.99
CA LEU A 222 -4.02 4.69 0.38
C LEU A 222 -5.46 4.41 0.76
N SER A 223 -6.41 5.17 0.19
CA SER A 223 -7.82 4.95 0.53
C SER A 223 -8.39 3.69 -0.13
N THR A 224 -7.61 3.07 -1.01
CA THR A 224 -8.04 1.77 -1.54
C THR A 224 -7.54 0.62 -0.66
N LEU A 225 -6.82 0.92 0.42
CA LEU A 225 -6.24 -0.13 1.26
C LEU A 225 -6.77 -0.09 2.68
N SER A 226 -6.80 -1.25 3.33
CA SER A 226 -7.11 -1.33 4.75
C SER A 226 -5.95 -0.70 5.49
N GLY A 227 -6.16 -0.34 6.76
CA GLY A 227 -5.13 0.31 7.55
C GLY A 227 -3.84 -0.49 7.62
N LYS A 228 -3.98 -1.79 7.78
CA LYS A 228 -2.83 -2.69 7.88
C LYS A 228 -2.05 -2.73 6.56
N ASN A 229 -2.79 -2.69 5.44
CA ASN A 229 -2.13 -2.68 4.13
C ASN A 229 -1.47 -1.35 3.75
N GLN A 230 -2.08 -0.23 4.15
CA GLN A 230 -1.46 1.08 4.01
C GLN A 230 -0.08 1.07 4.65
N SER A 231 0.01 0.38 5.79
CA SER A 231 1.23 0.30 6.57
C SER A 231 2.33 -0.44 5.81
N ILE A 232 1.97 -1.59 5.26
CA ILE A 232 2.89 -2.39 4.49
C ILE A 232 3.36 -1.60 3.28
N LEU A 233 2.42 -0.93 2.60
CA LEU A 233 2.77 -0.12 1.44
C LEU A 233 3.72 1.01 1.80
N LEU A 234 3.40 1.72 2.87
CA LEU A 234 4.19 2.90 3.21
C LEU A 234 5.60 2.53 3.66
N ARG A 235 5.77 1.37 4.30
CA ARG A 235 7.11 1.00 4.73
C ARG A 235 7.99 0.68 3.52
N SER A 236 7.41 -0.03 2.56
CA SER A 236 8.14 -0.41 1.37
C SER A 236 8.53 0.84 0.56
N ILE A 237 7.67 1.84 0.55
CA ILE A 237 7.99 3.06 -0.18
C ILE A 237 9.02 3.87 0.56
N GLN A 238 8.86 3.98 1.87
CA GLN A 238 9.82 4.72 2.69
C GLN A 238 11.25 4.15 2.56
N LYS A 239 11.37 2.83 2.59
CA LYS A 239 12.68 2.21 2.45
C LYS A 239 13.31 2.53 1.09
N GLN A 240 12.52 2.40 0.03
CA GLN A 240 12.98 2.65 -1.33
C GLN A 240 13.35 4.11 -1.56
N HIS A 241 12.54 5.03 -1.03
CA HIS A 241 12.82 6.44 -1.25
C HIS A 241 14.07 6.91 -0.50
N HIS A 242 14.22 6.46 0.75
CA HIS A 242 15.42 6.77 1.52
C HIS A 242 16.65 6.26 0.79
N ALA A 243 16.58 5.03 0.30
CA ALA A 243 17.69 4.43 -0.42
C ALA A 243 18.08 5.25 -1.67
N LEU A 244 17.09 5.59 -2.51
CA LEU A 244 17.35 6.35 -3.72
C LEU A 244 17.85 7.77 -3.41
N GLU A 245 17.30 8.37 -2.34
CA GLU A 245 17.78 9.67 -1.87
C GLU A 245 19.28 9.61 -1.53
N LYS A 246 19.68 8.58 -0.78
CA LYS A 246 21.08 8.41 -0.43
C LYS A 246 21.93 8.23 -1.67
N LYS A 247 21.47 7.34 -2.56
CA LYS A 247 22.20 7.01 -3.79
C LYS A 247 22.47 8.27 -4.62
N CYS A 248 21.48 9.14 -4.64
CA CYS A 248 21.57 10.41 -5.34
C CYS A 248 22.57 11.34 -4.65
N SER A 249 22.53 11.40 -3.31
CA SER A 249 23.52 12.19 -2.58
C SER A 249 24.95 11.72 -2.85
N ASP A 250 25.13 10.41 -2.98
CA ASP A 250 26.47 9.85 -3.21
C ASP A 250 26.98 10.17 -4.61
N LEU A 251 26.08 10.09 -5.58
CA LEU A 251 26.40 10.40 -6.97
C LEU A 251 26.76 11.88 -7.14
N ILE A 252 26.04 12.73 -6.43
CA ILE A 252 26.36 14.14 -6.44
C ILE A 252 27.75 14.38 -5.85
N GLN A 253 28.03 13.74 -4.71
CA GLN A 253 29.33 13.89 -4.08
C GLN A 253 30.46 13.37 -4.98
N GLU A 254 30.21 12.26 -5.67
CA GLU A 254 31.18 11.71 -6.61
C GLU A 254 31.48 12.68 -7.75
N ALA A 255 30.42 13.14 -8.39
CA ALA A 255 30.51 14.10 -9.48
C ALA A 255 31.24 15.36 -9.04
N ASP A 256 31.01 15.76 -7.79
CA ASP A 256 31.73 16.88 -7.19
C ASP A 256 33.23 16.59 -7.16
N GLN A 257 33.59 15.38 -6.72
CA GLN A 257 35.00 15.01 -6.55
C GLN A 257 35.80 15.05 -7.85
N ILE A 258 35.16 14.70 -8.95
CA ILE A 258 35.86 14.52 -10.22
C ILE A 258 35.68 15.69 -11.19
N ASN A 259 34.86 16.66 -10.84
CA ASN A 259 34.54 17.79 -11.69
C ASN A 259 35.79 18.56 -12.15
N TYR A 260 36.55 19.06 -11.18
CA TYR A 260 37.69 19.91 -11.50
C TYR A 260 38.76 19.24 -12.40
N PRO A 261 39.23 18.03 -12.05
CA PRO A 261 40.26 17.46 -12.91
C PRO A 261 39.77 17.20 -14.34
N LEU A 262 38.50 16.82 -14.48
CA LEU A 262 37.94 16.57 -15.80
C LEU A 262 37.86 17.87 -16.60
N PHE A 263 37.47 18.94 -15.93
CA PHE A 263 37.34 20.23 -16.58
C PHE A 263 38.69 20.71 -17.12
N LEU A 264 39.73 20.50 -16.33
CA LEU A 264 41.07 20.90 -16.71
C LEU A 264 41.50 20.16 -18.00
N GLU A 265 41.25 18.86 -18.04
CA GLU A 265 41.51 18.04 -19.23
C GLU A 265 40.77 18.56 -20.46
N GLU A 266 39.48 18.84 -20.29
CA GLU A 266 38.68 19.25 -21.43
C GLU A 266 39.00 20.66 -21.88
N LEU A 267 39.51 21.46 -20.93
CA LEU A 267 39.75 22.86 -21.22
C LEU A 267 40.97 22.94 -22.11
N GLN A 268 41.93 22.07 -21.84
CA GLN A 268 43.14 21.97 -22.63
C GLN A 268 42.74 21.68 -24.08
N LYS A 269 41.83 20.72 -24.27
CA LYS A 269 41.33 20.40 -25.62
C LYS A 269 40.68 21.60 -26.27
N TYR A 270 39.78 22.24 -25.54
CA TYR A 270 39.13 23.48 -25.98
C TYR A 270 40.14 24.53 -26.39
N LEU A 271 41.23 24.63 -25.64
CA LEU A 271 42.27 25.63 -25.92
C LEU A 271 43.12 25.28 -27.14
N ASN A 272 42.95 24.08 -27.67
CA ASN A 272 43.74 23.64 -28.80
C ASN A 272 42.88 23.55 -30.05
N LYS A 273 41.58 23.49 -29.88
CA LYS A 273 40.65 23.31 -30.99
C LYS A 273 40.41 24.62 -31.74
N LYS A 274 40.62 25.74 -31.04
CA LYS A 274 40.38 27.08 -31.59
C LYS A 274 38.91 27.44 -31.85
N LYS A 275 37.97 26.65 -31.34
CA LYS A 275 36.56 27.06 -31.39
C LYS A 275 36.27 27.96 -30.19
N HIS A 276 36.84 29.16 -30.22
CA HIS A 276 36.76 30.09 -29.09
C HIS A 276 37.18 31.46 -29.59
N THR A 277 37.14 32.46 -28.71
CA THR A 277 37.39 33.85 -29.10
C THR A 277 38.60 34.43 -28.37
N LEU A 278 39.45 33.55 -27.85
CA LEU A 278 40.60 33.99 -27.10
C LEU A 278 41.75 34.30 -28.05
N SER A 279 42.52 35.34 -27.73
CA SER A 279 43.71 35.67 -28.51
C SER A 279 44.83 34.66 -28.22
N SER A 280 45.79 34.61 -29.13
CA SER A 280 46.94 33.72 -28.98
C SER A 280 47.64 33.94 -27.65
N GLN A 281 47.80 35.20 -27.25
CA GLN A 281 48.41 35.51 -25.96
C GLN A 281 47.55 35.08 -24.77
N GLU A 282 46.24 35.20 -24.92
CA GLU A 282 45.30 34.76 -23.88
C GLU A 282 45.42 33.26 -23.66
N VAL A 283 45.40 32.51 -24.75
CA VAL A 283 45.57 31.07 -24.72
C VAL A 283 46.85 30.67 -23.98
N ASP A 284 47.96 31.30 -24.35
CA ASP A 284 49.24 30.95 -23.75
C ASP A 284 49.25 31.29 -22.27
N ALA A 285 48.61 32.40 -21.91
CA ALA A 285 48.52 32.82 -20.52
C ALA A 285 47.69 31.84 -19.70
N LEU A 286 46.71 31.20 -20.31
CA LEU A 286 45.89 30.24 -19.58
C LEU A 286 46.66 28.93 -19.40
N LYS A 287 47.42 28.56 -20.42
CA LYS A 287 48.27 27.39 -20.39
C LYS A 287 49.32 27.54 -19.29
N SER A 288 49.83 28.76 -19.11
CA SER A 288 50.74 29.03 -18.01
C SER A 288 50.10 28.71 -16.65
N VAL A 289 48.85 29.12 -16.45
CA VAL A 289 48.18 28.84 -15.18
C VAL A 289 47.90 27.34 -15.04
N ILE A 290 47.50 26.73 -16.15
CA ILE A 290 47.22 25.30 -16.17
C ILE A 290 48.45 24.46 -15.79
N LYS A 291 49.59 24.77 -16.40
CA LYS A 291 50.79 24.00 -16.12
C LYS A 291 51.23 24.25 -14.67
N TYR A 292 50.90 25.41 -14.13
CA TYR A 292 51.24 25.72 -12.75
C TYR A 292 50.49 24.79 -11.79
N ILE A 293 49.20 24.58 -12.04
CA ILE A 293 48.42 23.62 -11.27
C ILE A 293 48.95 22.20 -11.44
N LYS A 294 49.24 21.84 -12.68
CA LYS A 294 49.60 20.48 -13.04
C LYS A 294 50.95 20.02 -12.43
N GLN A 295 51.88 20.95 -12.29
CA GLN A 295 53.22 20.64 -11.82
C GLN A 295 53.36 20.99 -10.34
N HIS A 296 52.25 21.36 -9.72
CA HIS A 296 52.19 21.76 -8.30
C HIS A 296 52.89 20.75 -7.40
N LEU A 297 53.66 21.26 -6.42
CA LEU A 297 54.36 20.42 -5.44
C LEU A 297 53.45 19.95 -4.29
N GLU A 298 52.35 20.67 -4.06
CA GLU A 298 51.34 20.24 -3.08
C GLU A 298 50.19 19.43 -3.69
N PHE A 299 49.68 19.90 -4.84
CA PHE A 299 48.57 19.23 -5.53
C PHE A 299 48.42 19.83 -6.93
#